data_5HMY
#
_entry.id   5HMY
#
_cell.length_a   160.880
_cell.length_b   177.110
_cell.length_c   58.070
_cell.angle_alpha   90.000
_cell.angle_beta   90.000
_cell.angle_gamma   90.000
#
_symmetry.space_group_name_H-M   'C 2 2 21'
#
loop_
_entity.id
_entity.type
_entity.pdbx_description
1 polymer 'RNA-directed RNA polymerase NS5'
2 non-polymer 'ZINC ION'
3 non-polymer "2,2'-(5-(5-(3-hydroxyprop-1-yn-1-yl)thiophen-2-yl)-1,3-phenylene)diacetic acid"
4 water water
#
_entity_poly.entity_id   1
_entity_poly.type   'polypeptide(L)'
_entity_poly.pdbx_seq_one_letter_code
;GSHMLDNMDVIGERIKRIKEEHNSTWHYDDENPYKTWAYHGSYEVKATGSASSMINGVVKLLTKPWDVVPMVTQMAMTDT
TPFGQQRVFKEKVDTRTPRPLPGTRKVMEITAEWLWRTLGRNKRPRLCTREEFTKKVRTNAAMGAVFTEENQWDSAKAAV
EDEEFWKLVDRERELHKLGKCGSCVYNMMGKREKKLGEFGKAKGSRAIWYMWLGVRYLEFEALGFLNEDHWFSRENSYSG
VEGEGLHKLGYILRDISKIPGGAMYADDTAGWDTRITEDDLHNEEKIIQQMDPEHRQLANAIFKLTYQNKVVKVQRPTPT
GTVMDIISRKDQRGSGQVGTYGLNTFTNMEAQLVRQMEGEGVLTKADLENPHLLEKKITQWLETKGVERLKRMAISGDDC
VVKPIDDRFANALLALNDMGKVRKDIPQWQPSKGWHDWQQVPFCSHHFHELIMKDGRKLVVPCRPQDELIGRARISQGAG
WSLRETACLGKAYAQMWSLMYFHRRDLRLASNAICSAVPVHWVPTSRTTWSIHAHHQWMTTEDMLTVWNRVWIEENPWME
DKTPVTTWENVPYLGKREDQWCGSLIGLTSRATWAQNIPTAIQQVRSLIGNEEFLDYMPSMKRFRKEEESEGAIW
;
_entity_poly.pdbx_strand_id   A
#
# COMPACT_ATOMS: atom_id res chain seq x y z
N ASN A 7 -12.89 -13.78 26.52
CA ASN A 7 -12.11 -12.80 25.75
C ASN A 7 -11.58 -11.63 26.59
N MET A 8 -12.33 -11.23 27.64
CA MET A 8 -12.00 -10.10 28.52
C MET A 8 -10.67 -10.28 29.30
N ASP A 9 -10.17 -11.52 29.42
CA ASP A 9 -8.90 -11.82 30.08
C ASP A 9 -7.69 -11.34 29.28
N VAL A 10 -7.86 -11.08 27.96
CA VAL A 10 -6.79 -10.62 27.06
C VAL A 10 -6.89 -9.10 26.81
N ILE A 11 -8.12 -8.55 26.74
CA ILE A 11 -8.38 -7.13 26.41
C ILE A 11 -8.75 -6.23 27.59
N GLY A 12 -9.13 -6.84 28.70
CA GLY A 12 -9.60 -6.17 29.92
C GLY A 12 -8.73 -5.07 30.49
N GLU A 13 -7.41 -5.34 30.61
CA GLU A 13 -6.43 -4.39 31.14
C GLU A 13 -6.36 -3.12 30.29
N ARG A 14 -6.35 -3.27 28.96
CA ARG A 14 -6.33 -2.16 28.00
C ARG A 14 -7.56 -1.26 28.18
N ILE A 15 -8.75 -1.86 28.26
CA ILE A 15 -10.04 -1.15 28.43
C ILE A 15 -10.08 -0.46 29.78
N LYS A 16 -9.70 -1.18 30.86
CA LYS A 16 -9.62 -0.68 32.24
C LYS A 16 -8.76 0.60 32.28
N ARG A 17 -7.63 0.62 31.56
CA ARG A 17 -6.73 1.78 31.50
C ARG A 17 -7.35 2.97 30.76
N ILE A 18 -8.15 2.71 29.70
CA ILE A 18 -8.83 3.76 28.92
C ILE A 18 -9.98 4.33 29.79
N LYS A 19 -10.77 3.43 30.41
CA LYS A 19 -11.87 3.69 31.31
C LYS A 19 -11.40 4.61 32.46
N GLU A 20 -10.31 4.23 33.17
CA GLU A 20 -9.71 4.99 34.26
C GLU A 20 -9.18 6.36 33.82
N GLU A 21 -8.49 6.41 32.65
CA GLU A 21 -7.93 7.63 32.06
C GLU A 21 -9.02 8.62 31.64
N HIS A 22 -10.19 8.12 31.22
CA HIS A 22 -11.31 8.94 30.76
C HIS A 22 -12.59 8.74 31.59
N ASN A 23 -12.48 8.47 32.91
CA ASN A 23 -13.66 8.25 33.76
C ASN A 23 -14.45 9.54 34.02
N SER A 24 -13.91 10.68 33.55
CA SER A 24 -14.55 12.00 33.62
C SER A 24 -15.81 11.97 32.74
N THR A 25 -15.68 11.46 31.48
CA THR A 25 -16.78 11.37 30.51
C THR A 25 -17.16 9.93 30.10
N TRP A 26 -16.56 8.89 30.72
CA TRP A 26 -16.86 7.47 30.39
C TRP A 26 -18.32 7.10 30.63
N HIS A 27 -18.93 6.42 29.64
CA HIS A 27 -20.33 5.97 29.63
C HIS A 27 -20.54 4.86 28.59
N TYR A 28 -21.64 4.10 28.74
CA TYR A 28 -22.02 3.06 27.80
C TYR A 28 -23.16 3.59 26.92
N ASP A 29 -22.82 4.19 25.76
CA ASP A 29 -23.78 4.71 24.79
C ASP A 29 -24.49 3.51 24.15
N ASP A 30 -25.67 3.14 24.71
CA ASP A 30 -26.48 1.98 24.29
C ASP A 30 -27.12 2.14 22.89
N GLU A 31 -26.83 3.26 22.20
CA GLU A 31 -27.28 3.49 20.83
C GLU A 31 -26.05 3.58 19.88
N ASN A 32 -25.08 2.65 20.15
CA ASN A 32 -23.84 2.45 19.38
C ASN A 32 -24.20 1.62 18.13
N PRO A 33 -23.55 1.85 16.96
CA PRO A 33 -23.94 1.11 15.75
C PRO A 33 -23.27 -0.25 15.53
N TYR A 34 -22.38 -0.68 16.44
CA TYR A 34 -21.58 -1.91 16.33
C TYR A 34 -22.44 -3.17 16.37
N LYS A 35 -22.35 -3.97 15.28
CA LYS A 35 -23.13 -5.20 15.14
C LYS A 35 -22.28 -6.46 15.23
N THR A 36 -21.05 -6.44 14.67
CA THR A 36 -20.15 -7.62 14.65
C THR A 36 -18.90 -7.41 15.55
N TRP A 37 -18.69 -6.18 16.00
CA TRP A 37 -17.60 -5.83 16.91
C TRP A 37 -18.21 -5.70 18.30
N ALA A 38 -17.46 -6.12 19.34
CA ALA A 38 -17.89 -5.95 20.73
C ALA A 38 -17.63 -4.48 21.10
N TYR A 39 -18.66 -3.76 21.57
CA TYR A 39 -18.56 -2.36 21.97
C TYR A 39 -18.41 -2.30 23.50
N HIS A 40 -17.40 -1.57 24.00
CA HIS A 40 -17.14 -1.50 25.43
C HIS A 40 -17.63 -0.22 26.10
N GLY A 41 -17.46 0.91 25.41
CA GLY A 41 -17.87 2.21 25.90
C GLY A 41 -17.33 3.37 25.11
N SER A 42 -17.74 4.60 25.52
CA SER A 42 -17.34 5.85 24.89
C SER A 42 -16.88 6.90 25.90
N TYR A 43 -16.17 7.92 25.40
CA TYR A 43 -15.68 9.08 26.13
C TYR A 43 -15.57 10.26 25.15
N GLU A 44 -15.82 11.49 25.62
CA GLU A 44 -15.80 12.69 24.78
C GLU A 44 -14.39 13.05 24.26
N VAL A 45 -14.32 13.48 22.99
CA VAL A 45 -13.11 13.91 22.28
C VAL A 45 -13.40 15.15 21.40
N LYS A 46 -12.34 15.81 20.92
CA LYS A 46 -12.44 16.93 20.00
C LYS A 46 -12.56 16.32 18.60
N ALA A 47 -13.33 16.97 17.69
CA ALA A 47 -13.50 16.46 16.33
C ALA A 47 -12.19 16.50 15.54
N THR A 48 -11.80 15.35 14.96
CA THR A 48 -10.59 15.18 14.16
C THR A 48 -10.96 15.00 12.67
N GLY A 49 -10.03 15.34 11.77
CA GLY A 49 -10.21 15.19 10.33
C GLY A 49 -10.90 16.35 9.64
N SER A 50 -10.95 16.31 8.28
CA SER A 50 -11.55 17.36 7.46
C SER A 50 -12.56 16.81 6.43
N ALA A 51 -13.52 17.66 6.03
CA ALA A 51 -14.55 17.33 5.04
C ALA A 51 -13.95 17.33 3.62
N SER A 52 -13.07 18.31 3.33
CA SER A 52 -12.36 18.47 2.06
C SER A 52 -10.84 18.30 2.30
N SER A 53 -10.02 18.66 1.29
CA SER A 53 -8.56 18.60 1.36
C SER A 53 -8.01 19.94 0.84
N MET A 54 -6.88 20.44 1.44
CA MET A 54 -6.26 21.69 0.98
C MET A 54 -5.65 21.51 -0.41
N ILE A 55 -5.85 22.50 -1.27
CA ILE A 55 -5.39 22.51 -2.66
C ILE A 55 -4.00 23.11 -2.76
N ASN A 56 -3.13 22.47 -3.55
CA ASN A 56 -1.78 22.97 -3.82
C ASN A 56 -1.96 23.99 -4.93
N GLY A 57 -1.86 25.27 -4.58
CA GLY A 57 -2.07 26.37 -5.52
C GLY A 57 -1.09 26.43 -6.67
N VAL A 58 0.15 25.97 -6.44
CA VAL A 58 1.20 25.96 -7.46
C VAL A 58 0.84 25.01 -8.60
N VAL A 59 0.46 23.76 -8.26
CA VAL A 59 0.06 22.73 -9.23
C VAL A 59 -1.22 23.15 -9.90
N LYS A 60 -2.21 23.65 -9.12
CA LYS A 60 -3.50 24.10 -9.66
C LYS A 60 -3.30 25.21 -10.69
N LEU A 61 -2.50 26.24 -10.38
CA LEU A 61 -2.26 27.34 -11.32
C LEU A 61 -1.56 26.89 -12.64
N LEU A 62 -0.78 25.80 -12.56
CA LEU A 62 -0.09 25.31 -13.73
C LEU A 62 -0.83 24.15 -14.44
N THR A 63 -2.03 23.76 -13.95
CA THR A 63 -2.84 22.69 -14.59
C THR A 63 -4.28 23.16 -14.82
N LYS A 64 -4.46 24.40 -15.35
CA LYS A 64 -5.77 25.04 -15.63
C LYS A 64 -6.78 24.15 -16.40
N PRO A 65 -6.43 23.45 -17.51
CA PRO A 65 -7.46 22.62 -18.18
C PRO A 65 -8.10 21.54 -17.30
N TRP A 66 -7.47 21.20 -16.17
CA TRP A 66 -7.97 20.18 -15.26
C TRP A 66 -8.85 20.73 -14.16
N ASP A 67 -9.07 22.07 -14.14
CA ASP A 67 -9.98 22.73 -13.19
C ASP A 67 -11.40 22.20 -13.54
N VAL A 68 -11.67 21.87 -14.82
CA VAL A 68 -12.97 21.34 -15.25
C VAL A 68 -12.91 19.81 -15.47
N VAL A 69 -12.31 19.05 -14.53
CA VAL A 69 -12.27 17.60 -14.71
C VAL A 69 -12.91 16.92 -13.48
N PRO A 70 -14.01 16.16 -13.70
CA PRO A 70 -14.74 15.53 -12.58
C PRO A 70 -13.89 14.69 -11.62
N MET A 71 -12.99 13.80 -12.13
CA MET A 71 -12.13 13.02 -11.22
C MET A 71 -11.22 13.90 -10.36
N VAL A 72 -10.67 14.98 -10.96
CA VAL A 72 -9.79 15.95 -10.28
C VAL A 72 -10.54 16.61 -9.10
N THR A 73 -11.79 17.05 -9.33
CA THR A 73 -12.67 17.66 -8.31
C THR A 73 -12.98 16.68 -7.17
N GLN A 74 -13.27 15.42 -7.51
CA GLN A 74 -13.60 14.37 -6.54
C GLN A 74 -12.44 14.12 -5.57
N MET A 75 -11.20 14.14 -6.09
CA MET A 75 -10.02 13.89 -5.28
C MET A 75 -9.80 14.97 -4.23
N ALA A 76 -10.19 16.22 -4.53
CA ALA A 76 -10.11 17.38 -3.62
C ALA A 76 -11.02 17.21 -2.38
N MET A 77 -12.01 16.30 -2.45
CA MET A 77 -12.96 16.01 -1.37
C MET A 77 -12.31 15.07 -0.32
N THR A 78 -12.84 13.83 -0.12
CA THR A 78 -12.38 12.82 0.85
C THR A 78 -12.60 13.29 2.30
N ASP A 79 -13.60 12.68 2.97
CA ASP A 79 -14.02 12.97 4.34
C ASP A 79 -13.27 12.12 5.38
N THR A 80 -12.53 12.79 6.30
CA THR A 80 -11.76 12.17 7.38
C THR A 80 -12.31 12.52 8.78
N THR A 81 -13.49 13.18 8.83
CA THR A 81 -14.19 13.58 10.05
C THR A 81 -14.85 12.37 10.76
N PRO A 82 -15.35 12.50 12.03
CA PRO A 82 -16.02 11.35 12.68
C PRO A 82 -17.17 10.77 11.85
N PHE A 83 -17.91 11.63 11.10
CA PHE A 83 -19.00 11.26 10.20
C PHE A 83 -18.46 10.41 9.04
N GLY A 84 -17.33 10.85 8.45
CA GLY A 84 -16.63 10.16 7.38
C GLY A 84 -16.13 8.78 7.78
N GLN A 85 -15.51 8.69 8.98
CA GLN A 85 -14.98 7.46 9.59
C GLN A 85 -16.08 6.42 9.84
N GLN A 86 -17.20 6.87 10.43
CA GLN A 86 -18.37 6.03 10.75
C GLN A 86 -19.04 5.42 9.52
N ARG A 87 -19.15 6.19 8.42
CA ARG A 87 -19.77 5.80 7.16
C ARG A 87 -19.05 4.61 6.48
N VAL A 88 -17.72 4.71 6.32
CA VAL A 88 -16.84 3.69 5.72
C VAL A 88 -16.81 2.43 6.62
N PHE A 89 -16.88 2.63 7.97
CA PHE A 89 -16.91 1.55 8.95
C PHE A 89 -18.13 0.65 8.72
N LYS A 90 -19.33 1.26 8.60
CA LYS A 90 -20.60 0.56 8.41
C LYS A 90 -20.61 -0.26 7.11
N GLU A 91 -20.08 0.34 6.02
CA GLU A 91 -19.96 -0.22 4.68
C GLU A 91 -19.15 -1.53 4.57
N LYS A 92 -17.98 -1.63 5.25
CA LYS A 92 -17.11 -2.83 5.14
C LYS A 92 -16.76 -3.52 6.46
N VAL A 93 -16.17 -2.74 7.39
CA VAL A 93 -15.59 -3.15 8.66
C VAL A 93 -16.54 -3.95 9.57
N ASP A 94 -17.84 -3.58 9.62
CA ASP A 94 -18.84 -4.22 10.49
C ASP A 94 -19.54 -5.43 9.84
N THR A 95 -18.76 -6.46 9.48
CA THR A 95 -19.26 -7.69 8.85
C THR A 95 -18.54 -8.88 9.44
N ARG A 96 -19.10 -10.07 9.23
CA ARG A 96 -18.55 -11.34 9.66
C ARG A 96 -18.34 -12.20 8.38
N THR A 97 -17.19 -12.89 8.29
CA THR A 97 -16.84 -13.76 7.16
C THR A 97 -17.24 -15.17 7.54
N PRO A 98 -18.03 -15.91 6.72
CA PRO A 98 -18.39 -17.28 7.12
C PRO A 98 -17.13 -18.13 7.26
N ARG A 99 -17.13 -19.07 8.22
CA ARG A 99 -15.95 -19.87 8.44
C ARG A 99 -15.67 -20.80 7.28
N PRO A 100 -14.39 -20.90 6.78
CA PRO A 100 -14.11 -21.86 5.71
C PRO A 100 -14.46 -23.28 6.15
N LEU A 101 -14.81 -24.12 5.18
CA LEU A 101 -15.12 -25.54 5.35
C LEU A 101 -13.90 -26.31 5.91
N PRO A 102 -14.07 -27.56 6.45
CA PRO A 102 -12.92 -28.26 7.06
C PRO A 102 -11.79 -28.64 6.11
N GLY A 103 -12.12 -29.09 4.90
CA GLY A 103 -11.12 -29.42 3.88
C GLY A 103 -10.35 -28.18 3.46
N THR A 104 -11.07 -27.05 3.28
CA THR A 104 -10.43 -25.78 2.93
C THR A 104 -9.40 -25.41 3.99
N ARG A 105 -9.75 -25.57 5.29
CA ARG A 105 -8.86 -25.25 6.42
C ARG A 105 -7.62 -26.13 6.41
N LYS A 106 -7.79 -27.42 6.07
CA LYS A 106 -6.67 -28.35 5.97
C LYS A 106 -5.73 -27.95 4.83
N VAL A 107 -6.26 -27.69 3.60
CA VAL A 107 -5.41 -27.25 2.46
C VAL A 107 -4.64 -26.00 2.84
N MET A 108 -5.33 -25.03 3.47
CA MET A 108 -4.71 -23.75 3.83
C MET A 108 -3.58 -23.97 4.82
N GLU A 109 -3.79 -24.86 5.79
CA GLU A 109 -2.80 -25.21 6.82
C GLU A 109 -1.58 -25.86 6.19
N ILE A 110 -1.76 -26.85 5.27
CA ILE A 110 -0.63 -27.52 4.58
C ILE A 110 0.16 -26.52 3.72
N THR A 111 -0.56 -25.68 2.96
CA THR A 111 0.08 -24.66 2.12
C THR A 111 0.82 -23.62 2.96
N ALA A 112 0.17 -23.08 4.02
CA ALA A 112 0.82 -22.11 4.92
C ALA A 112 2.15 -22.68 5.50
N GLU A 113 2.14 -23.96 5.98
CA GLU A 113 3.34 -24.58 6.54
C GLU A 113 4.47 -24.66 5.49
N TRP A 114 4.16 -25.12 4.28
CA TRP A 114 5.16 -25.25 3.22
C TRP A 114 5.66 -23.86 2.78
N LEU A 115 4.75 -22.88 2.69
CA LEU A 115 5.11 -21.53 2.27
C LEU A 115 6.05 -20.84 3.26
N TRP A 116 5.80 -20.98 4.56
CA TRP A 116 6.68 -20.38 5.56
C TRP A 116 8.07 -21.02 5.51
N ARG A 117 8.16 -22.36 5.29
CA ARG A 117 9.48 -23.04 5.20
C ARG A 117 10.23 -22.61 3.96
N THR A 118 9.54 -22.44 2.82
CA THR A 118 10.10 -21.94 1.55
C THR A 118 10.68 -20.51 1.74
N LEU A 119 9.88 -19.62 2.37
CA LEU A 119 10.23 -18.23 2.66
C LEU A 119 11.41 -18.09 3.63
N GLY A 120 11.53 -19.04 4.54
CA GLY A 120 12.61 -19.04 5.53
C GLY A 120 13.79 -19.95 5.19
N ARG A 121 13.93 -20.36 3.91
CA ARG A 121 15.01 -21.27 3.49
C ARG A 121 16.44 -20.69 3.58
N ASN A 122 16.60 -19.36 3.33
CA ASN A 122 17.90 -18.69 3.39
C ASN A 122 17.91 -17.69 4.52
N LYS A 123 16.78 -17.05 4.80
CA LYS A 123 16.69 -16.04 5.86
C LYS A 123 16.21 -16.62 7.15
N ARG A 124 16.66 -16.03 8.23
CA ARG A 124 16.22 -16.41 9.57
C ARG A 124 15.53 -15.21 10.20
N PRO A 125 14.37 -15.38 10.87
CA PRO A 125 13.75 -14.22 11.53
C PRO A 125 14.66 -13.64 12.62
N ARG A 126 14.48 -12.35 12.93
CA ARG A 126 15.22 -11.64 13.96
C ARG A 126 14.43 -10.46 14.50
N LEU A 127 14.81 -10.01 15.70
CA LEU A 127 14.22 -8.87 16.37
C LEU A 127 14.70 -7.58 15.72
N CYS A 128 13.80 -6.61 15.58
CA CYS A 128 14.22 -5.31 15.07
C CYS A 128 14.48 -4.43 16.29
N THR A 129 15.31 -3.39 16.13
CA THR A 129 15.83 -2.61 17.26
C THR A 129 15.29 -1.19 17.41
N ARG A 130 15.60 -0.59 18.59
CA ARG A 130 15.28 0.78 18.99
C ARG A 130 15.96 1.76 17.98
N GLU A 131 17.20 1.45 17.61
CA GLU A 131 18.03 2.23 16.70
C GLU A 131 17.54 2.15 15.25
N GLU A 132 16.98 0.99 14.83
CA GLU A 132 16.38 0.82 13.49
C GLU A 132 15.13 1.71 13.36
N PHE A 133 14.25 1.66 14.37
CA PHE A 133 13.01 2.43 14.44
C PHE A 133 13.29 3.93 14.46
N THR A 134 14.28 4.34 15.27
CA THR A 134 14.77 5.72 15.42
C THR A 134 15.31 6.21 14.05
N LYS A 135 16.24 5.45 13.41
CA LYS A 135 16.84 5.76 12.11
C LYS A 135 15.75 5.92 11.04
N LYS A 136 14.69 5.07 11.09
CA LYS A 136 13.53 5.12 10.19
C LYS A 136 12.75 6.40 10.43
N VAL A 137 12.26 6.63 11.69
CA VAL A 137 11.50 7.82 12.12
C VAL A 137 12.23 9.12 11.68
N ARG A 138 13.58 9.16 11.86
CA ARG A 138 14.45 10.29 11.50
C ARG A 138 14.49 10.51 9.97
N THR A 139 15.07 9.53 9.20
CA THR A 139 15.24 9.56 7.74
C THR A 139 13.93 9.71 6.96
N ASN A 140 12.79 9.46 7.62
CA ASN A 140 11.48 9.63 7.03
C ASN A 140 11.06 11.10 7.18
N ALA A 141 11.20 11.65 8.41
CA ALA A 141 10.86 13.05 8.76
C ALA A 141 11.85 14.08 8.17
N ALA A 142 13.02 13.62 7.67
CA ALA A 142 14.06 14.44 7.06
C ALA A 142 14.20 14.13 5.58
N ASP A 154 8.25 14.45 12.48
CA ASP A 154 7.08 14.96 13.21
C ASP A 154 7.34 14.89 14.74
N SER A 155 6.26 14.83 15.56
CA SER A 155 6.35 14.72 17.02
C SER A 155 6.78 13.28 17.43
N ALA A 156 6.89 12.38 16.43
CA ALA A 156 7.37 11.01 16.59
C ALA A 156 8.86 11.05 16.83
N LYS A 157 9.56 12.02 16.20
CA LYS A 157 11.00 12.26 16.34
C LYS A 157 11.30 12.77 17.75
N ALA A 158 10.35 13.49 18.36
CA ALA A 158 10.46 14.03 19.72
C ALA A 158 10.40 12.89 20.74
N ALA A 159 9.51 11.89 20.49
CA ALA A 159 9.30 10.70 21.32
C ALA A 159 10.52 9.79 21.28
N VAL A 160 11.06 9.59 20.07
CA VAL A 160 12.22 8.77 19.75
C VAL A 160 13.49 9.31 20.46
N GLU A 161 13.57 10.65 20.59
CA GLU A 161 14.64 11.41 21.24
C GLU A 161 14.50 11.42 22.77
N ASP A 162 13.28 11.18 23.28
CA ASP A 162 12.98 11.15 24.72
C ASP A 162 13.16 9.74 25.27
N GLU A 163 14.05 9.61 26.28
CA GLU A 163 14.35 8.36 26.97
C GLU A 163 13.12 7.83 27.74
N GLU A 164 12.21 8.74 28.16
CA GLU A 164 10.99 8.38 28.89
C GLU A 164 10.02 7.53 28.06
N PHE A 165 10.02 7.70 26.71
CA PHE A 165 9.22 6.94 25.76
C PHE A 165 9.68 5.48 25.76
N TRP A 166 11.00 5.28 25.67
CA TRP A 166 11.65 3.97 25.65
C TRP A 166 11.47 3.20 26.96
N LYS A 167 11.26 3.93 28.08
CA LYS A 167 11.00 3.36 29.41
C LYS A 167 9.60 2.77 29.46
N LEU A 168 8.62 3.45 28.81
CA LEU A 168 7.23 2.97 28.70
C LEU A 168 7.22 1.72 27.82
N VAL A 169 8.00 1.75 26.73
CA VAL A 169 8.20 0.65 25.76
C VAL A 169 8.69 -0.59 26.55
N ASP A 170 9.74 -0.42 27.40
CA ASP A 170 10.28 -1.50 28.23
C ASP A 170 9.25 -2.08 29.18
N ARG A 171 8.41 -1.22 29.79
CA ARG A 171 7.35 -1.63 30.72
C ARG A 171 6.26 -2.43 30.00
N GLU A 172 5.84 -1.97 28.79
CA GLU A 172 4.83 -2.70 28.00
C GLU A 172 5.41 -4.07 27.57
N ARG A 173 6.67 -4.10 27.10
CA ARG A 173 7.38 -5.33 26.74
C ARG A 173 7.42 -6.37 27.87
N GLU A 174 7.63 -5.90 29.12
CA GLU A 174 7.65 -6.80 30.29
C GLU A 174 6.26 -7.43 30.50
N LEU A 175 5.17 -6.67 30.27
CA LEU A 175 3.81 -7.24 30.32
C LEU A 175 3.66 -8.29 29.23
N HIS A 176 4.14 -7.97 27.99
CA HIS A 176 4.09 -8.87 26.83
C HIS A 176 4.78 -10.20 27.10
N LYS A 177 5.93 -10.17 27.81
CA LYS A 177 6.70 -11.37 28.21
C LYS A 177 5.91 -12.22 29.21
N LEU A 178 5.03 -11.57 29.98
CA LEU A 178 4.10 -12.18 30.96
C LEU A 178 2.77 -12.60 30.29
N GLY A 179 2.67 -12.41 28.97
CA GLY A 179 1.50 -12.75 28.18
C GLY A 179 0.34 -11.79 28.39
N LYS A 180 0.65 -10.52 28.70
CA LYS A 180 -0.35 -9.49 28.98
C LYS A 180 -0.11 -8.24 28.15
N CYS A 181 -1.16 -7.46 27.99
CA CYS A 181 -1.10 -6.21 27.26
C CYS A 181 -1.86 -5.16 28.07
N GLY A 182 -1.30 -3.97 28.19
CA GLY A 182 -1.93 -2.88 28.93
C GLY A 182 -2.20 -1.62 28.13
N SER A 183 -1.47 -1.40 27.04
CA SER A 183 -1.64 -0.19 26.26
C SER A 183 -1.63 -0.35 24.74
N CYS A 184 -1.57 -1.58 24.16
CA CYS A 184 -1.50 -1.67 22.69
C CYS A 184 -2.89 -1.64 22.04
N VAL A 185 -3.28 -0.44 21.62
CA VAL A 185 -4.60 -0.12 21.06
C VAL A 185 -4.37 0.42 19.65
N TYR A 186 -5.24 0.00 18.71
CA TYR A 186 -5.17 0.41 17.31
C TYR A 186 -6.16 1.58 17.09
N ASN A 187 -5.74 2.57 16.29
CA ASN A 187 -6.58 3.74 16.01
C ASN A 187 -7.12 3.76 14.58
N MET A 188 -8.46 3.85 14.42
CA MET A 188 -9.14 3.89 13.11
C MET A 188 -8.87 5.17 12.34
N SER A 205 -1.81 14.00 26.68
CA SER A 205 -1.41 14.58 25.39
C SER A 205 -0.24 13.79 24.77
N ARG A 206 0.88 13.69 25.51
CA ARG A 206 2.05 12.94 25.04
C ARG A 206 2.00 11.48 25.50
N ALA A 207 1.34 11.20 26.65
CA ALA A 207 1.18 9.86 27.23
C ALA A 207 0.37 8.94 26.31
N ILE A 208 -0.72 9.46 25.72
CA ILE A 208 -1.60 8.76 24.77
C ILE A 208 -0.85 8.47 23.46
N TRP A 209 -0.06 9.47 22.99
CA TRP A 209 0.76 9.39 21.78
C TRP A 209 1.91 8.38 21.94
N TYR A 210 2.60 8.41 23.11
CA TYR A 210 3.71 7.51 23.47
C TYR A 210 3.28 6.05 23.48
N MET A 211 2.06 5.79 23.98
CA MET A 211 1.44 4.46 24.03
C MET A 211 1.14 3.90 22.63
N TRP A 212 0.72 4.77 21.67
CA TRP A 212 0.44 4.38 20.29
C TRP A 212 1.75 4.06 19.56
N LEU A 213 2.72 5.00 19.58
CA LEU A 213 4.03 4.82 18.96
C LEU A 213 4.83 3.65 19.59
N GLY A 214 4.61 3.42 20.88
CA GLY A 214 5.23 2.34 21.65
C GLY A 214 4.66 1.00 21.23
N VAL A 215 3.34 0.95 20.95
CA VAL A 215 2.64 -0.24 20.46
C VAL A 215 3.19 -0.58 19.07
N ARG A 216 3.38 0.47 18.21
CA ARG A 216 3.92 0.29 16.87
CA ARG A 216 3.94 0.33 16.86
C ARG A 216 5.39 -0.10 16.94
N TYR A 217 6.15 0.43 17.93
CA TYR A 217 7.55 0.00 18.08
C TYR A 217 7.65 -1.49 18.45
N LEU A 218 6.82 -1.97 19.36
CA LEU A 218 6.85 -3.37 19.80
C LEU A 218 6.44 -4.31 18.70
N GLU A 219 5.52 -3.85 17.83
CA GLU A 219 5.06 -4.61 16.71
C GLU A 219 6.21 -4.68 15.71
N PHE A 220 6.89 -3.53 15.47
CA PHE A 220 8.05 -3.45 14.61
C PHE A 220 9.21 -4.32 15.12
N GLU A 221 9.44 -4.30 16.44
CA GLU A 221 10.47 -5.11 17.09
C GLU A 221 10.25 -6.61 16.80
N ALA A 222 9.01 -7.08 16.95
CA ALA A 222 8.69 -8.50 16.77
C ALA A 222 8.45 -8.94 15.31
N LEU A 223 7.82 -8.09 14.45
CA LEU A 223 7.51 -8.51 13.07
C LEU A 223 8.13 -7.69 11.95
N GLY A 224 8.89 -6.66 12.28
CA GLY A 224 9.54 -5.79 11.31
C GLY A 224 10.51 -6.45 10.36
N PHE A 225 11.13 -7.59 10.77
CA PHE A 225 12.08 -8.39 9.95
C PHE A 225 11.50 -8.75 8.59
N LEU A 226 10.16 -8.93 8.48
CA LEU A 226 9.51 -9.26 7.18
C LEU A 226 9.72 -8.14 6.16
N ASN A 227 9.67 -6.88 6.62
CA ASN A 227 9.91 -5.72 5.76
C ASN A 227 11.42 -5.40 5.69
N GLU A 228 12.08 -5.28 6.86
CA GLU A 228 13.50 -4.91 6.97
C GLU A 228 14.43 -5.89 6.30
N ASP A 229 14.13 -7.20 6.37
CA ASP A 229 15.00 -8.17 5.71
C ASP A 229 14.40 -8.69 4.40
N HIS A 230 13.42 -7.93 3.84
CA HIS A 230 12.78 -8.18 2.53
C HIS A 230 12.39 -9.64 2.31
N TRP A 231 11.57 -10.19 3.23
CA TRP A 231 11.11 -11.56 3.08
C TRP A 231 10.26 -11.74 1.84
N PHE A 232 9.62 -10.63 1.38
CA PHE A 232 8.73 -10.66 0.23
C PHE A 232 9.33 -10.02 -1.05
N SER A 233 10.67 -10.05 -1.14
CA SER A 233 11.39 -9.64 -2.35
C SER A 233 11.09 -10.74 -3.38
N ARG A 234 11.28 -10.47 -4.68
CA ARG A 234 11.03 -11.50 -5.70
C ARG A 234 12.02 -12.66 -5.61
N GLU A 235 13.29 -12.38 -5.27
CA GLU A 235 14.31 -13.41 -5.12
C GLU A 235 13.96 -14.34 -3.97
N ASN A 236 13.49 -13.78 -2.83
CA ASN A 236 13.16 -14.64 -1.71
C ASN A 236 11.81 -15.35 -1.80
N SER A 237 10.77 -14.65 -2.28
CA SER A 237 9.41 -15.19 -2.27
C SER A 237 8.88 -15.70 -3.59
N TYR A 238 9.57 -15.46 -4.74
CA TYR A 238 9.15 -15.85 -6.10
C TYR A 238 7.97 -15.03 -6.63
N SER A 239 6.88 -14.91 -5.84
CA SER A 239 5.68 -14.15 -6.21
C SER A 239 5.77 -12.70 -5.81
N GLY A 240 6.48 -12.42 -4.73
CA GLY A 240 6.56 -11.08 -4.14
C GLY A 240 7.23 -10.06 -5.01
N VAL A 241 7.00 -8.77 -4.70
CA VAL A 241 7.57 -7.64 -5.44
C VAL A 241 8.09 -6.55 -4.46
N GLU A 242 8.14 -6.86 -3.18
CA GLU A 242 8.56 -5.90 -2.15
C GLU A 242 10.02 -5.49 -2.41
N GLY A 243 10.28 -4.18 -2.36
CA GLY A 243 11.61 -3.62 -2.61
C GLY A 243 11.93 -3.47 -4.09
N GLU A 244 11.09 -4.02 -5.00
CA GLU A 244 11.37 -3.94 -6.46
C GLU A 244 11.23 -2.51 -7.01
N GLY A 245 10.14 -1.84 -6.64
CA GLY A 245 9.83 -0.47 -7.07
C GLY A 245 8.89 -0.47 -8.26
N LEU A 246 8.05 0.58 -8.37
CA LEU A 246 7.08 0.73 -9.47
C LEU A 246 7.73 0.61 -10.86
N HIS A 247 8.98 1.10 -11.00
CA HIS A 247 9.74 1.09 -12.27
C HIS A 247 10.16 -0.32 -12.72
N LYS A 248 10.02 -1.33 -11.82
CA LYS A 248 10.34 -2.73 -12.15
C LYS A 248 9.13 -3.63 -12.34
N LEU A 249 7.95 -3.25 -11.81
CA LEU A 249 6.71 -4.08 -11.85
C LEU A 249 6.24 -4.46 -13.24
N GLY A 250 6.32 -3.53 -14.18
CA GLY A 250 5.90 -3.80 -15.56
C GLY A 250 6.81 -4.81 -16.22
N TYR A 251 8.13 -4.70 -15.95
CA TYR A 251 9.14 -5.65 -16.43
C TYR A 251 8.88 -7.04 -15.85
N ILE A 252 8.54 -7.12 -14.57
CA ILE A 252 8.18 -8.38 -13.89
C ILE A 252 6.95 -9.01 -14.56
N LEU A 253 5.91 -8.18 -14.89
CA LEU A 253 4.69 -8.69 -15.55
C LEU A 253 5.02 -9.23 -16.95
N ARG A 254 5.91 -8.53 -17.69
CA ARG A 254 6.34 -9.00 -19.03
C ARG A 254 7.08 -10.33 -18.93
N ASP A 255 7.90 -10.52 -17.87
CA ASP A 255 8.62 -11.77 -17.65
C ASP A 255 7.63 -12.92 -17.35
N ILE A 256 6.61 -12.70 -16.51
CA ILE A 256 5.53 -13.68 -16.23
C ILE A 256 4.82 -14.06 -17.55
N SER A 257 4.57 -13.08 -18.44
CA SER A 257 3.90 -13.35 -19.73
C SER A 257 4.66 -14.34 -20.62
N LYS A 258 5.97 -14.52 -20.39
CA LYS A 258 6.81 -15.45 -21.16
C LYS A 258 6.64 -16.90 -20.70
N ILE A 259 6.06 -17.10 -19.49
CA ILE A 259 5.83 -18.43 -18.93
C ILE A 259 4.66 -19.08 -19.67
N PRO A 260 4.81 -20.29 -20.22
CA PRO A 260 3.65 -20.93 -20.89
C PRO A 260 2.49 -21.18 -19.91
N GLY A 261 1.28 -20.97 -20.41
CA GLY A 261 0.07 -21.16 -19.62
C GLY A 261 -1.15 -20.47 -20.20
N GLY A 262 -2.12 -20.21 -19.35
CA GLY A 262 -3.37 -19.56 -19.75
C GLY A 262 -3.23 -18.06 -19.72
N ALA A 263 -4.36 -17.37 -19.64
CA ALA A 263 -4.43 -15.92 -19.56
C ALA A 263 -3.84 -15.45 -18.18
N MET A 264 -3.56 -14.16 -18.07
CA MET A 264 -3.11 -13.56 -16.84
C MET A 264 -4.34 -13.00 -16.13
N TYR A 265 -4.59 -13.45 -14.90
CA TYR A 265 -5.74 -13.08 -14.07
C TYR A 265 -5.31 -12.12 -13.00
N ALA A 266 -6.12 -11.11 -12.71
CA ALA A 266 -5.84 -10.10 -11.70
C ALA A 266 -7.13 -9.69 -10.99
N ASP A 267 -7.71 -10.62 -10.23
CA ASP A 267 -8.96 -10.39 -9.50
C ASP A 267 -8.77 -9.61 -8.22
N ASP A 268 -9.64 -8.62 -8.03
CA ASP A 268 -9.69 -7.75 -6.88
C ASP A 268 -10.59 -8.43 -5.84
N THR A 269 -10.18 -8.44 -4.58
CA THR A 269 -10.96 -8.96 -3.44
C THR A 269 -11.71 -7.75 -2.85
N ALA A 270 -13.00 -7.92 -2.52
CA ALA A 270 -13.79 -6.86 -1.89
C ALA A 270 -13.34 -6.78 -0.41
N GLY A 271 -12.74 -5.65 -0.04
CA GLY A 271 -12.27 -5.41 1.33
C GLY A 271 -11.45 -6.53 1.95
N TRP A 272 -10.30 -6.86 1.32
CA TRP A 272 -9.36 -7.92 1.73
C TRP A 272 -9.13 -7.99 3.26
N ASP A 273 -8.77 -6.85 3.88
CA ASP A 273 -8.48 -6.75 5.33
C ASP A 273 -9.64 -7.19 6.23
N THR A 274 -10.89 -6.98 5.79
CA THR A 274 -12.08 -7.45 6.53
C THR A 274 -12.30 -8.95 6.28
N ARG A 275 -11.61 -9.54 5.29
CA ARG A 275 -11.78 -10.96 4.95
C ARG A 275 -10.69 -11.87 5.54
N ILE A 276 -9.82 -11.30 6.39
CA ILE A 276 -8.79 -12.07 7.08
C ILE A 276 -9.48 -12.78 8.25
N THR A 277 -9.54 -14.11 8.16
CA THR A 277 -10.23 -14.95 9.12
C THR A 277 -9.35 -15.37 10.28
N GLU A 278 -9.97 -16.00 11.31
CA GLU A 278 -9.25 -16.53 12.47
C GLU A 278 -8.33 -17.66 12.00
N ASP A 279 -8.74 -18.38 10.95
CA ASP A 279 -7.93 -19.43 10.35
C ASP A 279 -6.72 -18.86 9.64
N ASP A 280 -6.89 -17.74 8.90
CA ASP A 280 -5.77 -17.03 8.26
C ASP A 280 -4.75 -16.56 9.30
N LEU A 281 -5.22 -15.97 10.41
CA LEU A 281 -4.33 -15.49 11.49
C LEU A 281 -3.53 -16.61 12.14
N HIS A 282 -4.16 -17.78 12.34
CA HIS A 282 -3.48 -18.91 12.94
CA HIS A 282 -3.56 -18.99 12.92
C HIS A 282 -2.44 -19.48 12.01
N ASN A 283 -2.67 -19.38 10.67
CA ASN A 283 -1.73 -19.79 9.63
C ASN A 283 -0.53 -18.86 9.53
N GLU A 284 -0.79 -17.53 9.68
CA GLU A 284 0.26 -16.51 9.57
C GLU A 284 1.21 -16.62 10.77
N GLU A 285 0.67 -17.02 11.93
CA GLU A 285 1.37 -17.18 13.21
C GLU A 285 2.49 -18.22 13.16
N LYS A 286 2.39 -19.21 12.25
CA LYS A 286 3.35 -20.32 12.08
C LYS A 286 4.80 -19.88 11.83
N ILE A 287 5.01 -18.61 11.44
CA ILE A 287 6.35 -18.02 11.29
C ILE A 287 7.11 -18.06 12.64
N ILE A 288 6.39 -18.02 13.78
CA ILE A 288 7.02 -18.02 15.12
C ILE A 288 7.85 -19.30 15.36
N GLN A 289 7.54 -20.40 14.65
CA GLN A 289 8.23 -21.68 14.77
C GLN A 289 9.70 -21.63 14.33
N GLN A 290 10.06 -20.64 13.51
CA GLN A 290 11.41 -20.46 12.96
C GLN A 290 12.23 -19.39 13.75
N MET A 291 11.64 -18.83 14.79
CA MET A 291 12.24 -17.77 15.59
C MET A 291 13.06 -18.29 16.76
N ASP A 292 14.02 -17.45 17.23
CA ASP A 292 14.80 -17.68 18.46
C ASP A 292 13.83 -17.56 19.64
N PRO A 293 14.05 -18.26 20.80
CA PRO A 293 13.07 -18.21 21.91
C PRO A 293 12.67 -16.84 22.42
N GLU A 294 13.64 -15.93 22.60
CA GLU A 294 13.37 -14.56 23.05
C GLU A 294 12.51 -13.78 21.98
N HIS A 295 12.72 -14.07 20.67
CA HIS A 295 11.97 -13.46 19.56
C HIS A 295 10.56 -14.10 19.50
N ARG A 296 10.50 -15.45 19.54
CA ARG A 296 9.24 -16.21 19.55
C ARG A 296 8.28 -15.69 20.63
N GLN A 297 8.80 -15.43 21.86
CA GLN A 297 7.99 -14.95 22.98
C GLN A 297 7.31 -13.62 22.67
N LEU A 298 8.07 -12.65 22.13
CA LEU A 298 7.60 -11.30 21.78
C LEU A 298 6.67 -11.30 20.56
N ALA A 299 6.95 -12.14 19.55
CA ALA A 299 6.10 -12.21 18.36
C ALA A 299 4.79 -12.90 18.71
N ASN A 300 4.88 -13.91 19.60
CA ASN A 300 3.68 -14.62 20.06
C ASN A 300 2.73 -13.67 20.76
N ALA A 301 3.29 -12.73 21.55
CA ALA A 301 2.54 -11.71 22.27
C ALA A 301 1.87 -10.77 21.27
N ILE A 302 2.58 -10.35 20.22
CA ILE A 302 1.93 -9.52 19.19
C ILE A 302 0.78 -10.31 18.49
N PHE A 303 1.03 -11.58 18.07
CA PHE A 303 0.01 -12.37 17.40
C PHE A 303 -1.21 -12.62 18.28
N LYS A 304 -1.01 -13.18 19.46
CA LYS A 304 -2.10 -13.56 20.37
C LYS A 304 -2.82 -12.40 21.03
N LEU A 305 -2.13 -11.27 21.33
CA LEU A 305 -2.76 -10.16 22.05
C LEU A 305 -3.18 -8.94 21.23
N THR A 306 -2.54 -8.68 20.08
CA THR A 306 -2.83 -7.48 19.27
C THR A 306 -3.40 -7.80 17.86
N TYR A 307 -3.24 -9.05 17.37
CA TYR A 307 -3.74 -9.44 16.04
C TYR A 307 -4.98 -10.30 16.14
N GLN A 308 -4.90 -11.37 16.95
CA GLN A 308 -5.97 -12.33 17.20
C GLN A 308 -7.00 -11.86 18.24
N ASN A 309 -6.69 -10.76 18.92
CA ASN A 309 -7.53 -10.03 19.88
C ASN A 309 -7.11 -8.61 19.64
N LYS A 310 -8.05 -7.69 19.61
CA LYS A 310 -7.68 -6.29 19.36
C LYS A 310 -8.64 -5.34 20.01
N VAL A 311 -8.11 -4.20 20.48
CA VAL A 311 -8.86 -3.12 21.11
C VAL A 311 -8.66 -1.97 20.15
N VAL A 312 -9.77 -1.42 19.65
CA VAL A 312 -9.75 -0.38 18.63
C VAL A 312 -10.46 0.88 19.10
N LYS A 313 -9.92 2.05 18.70
CA LYS A 313 -10.47 3.38 18.97
C LYS A 313 -11.05 3.93 17.65
N VAL A 314 -12.34 4.31 17.65
CA VAL A 314 -13.00 4.90 16.47
C VAL A 314 -13.89 6.10 16.91
N GLN A 315 -13.71 7.26 16.23
CA GLN A 315 -14.46 8.50 16.48
C GLN A 315 -15.87 8.42 15.89
N ARG A 316 -16.85 8.93 16.64
CA ARG A 316 -18.25 8.91 16.22
C ARG A 316 -18.98 10.21 16.57
N PRO A 317 -19.70 10.84 15.59
CA PRO A 317 -20.47 12.03 15.92
C PRO A 317 -21.79 11.65 16.60
N THR A 318 -22.26 12.50 17.52
CA THR A 318 -23.49 12.32 18.30
C THR A 318 -24.20 13.68 18.42
N PRO A 319 -25.52 13.76 18.75
CA PRO A 319 -26.16 15.09 18.94
C PRO A 319 -25.45 15.95 20.01
N THR A 320 -24.91 15.29 21.07
CA THR A 320 -24.18 15.93 22.17
C THR A 320 -22.79 16.47 21.75
N GLY A 321 -22.12 15.77 20.83
CA GLY A 321 -20.79 16.15 20.34
C GLY A 321 -20.04 15.00 19.68
N THR A 322 -18.74 14.86 19.98
CA THR A 322 -17.92 13.79 19.41
C THR A 322 -17.44 12.84 20.51
N VAL A 323 -17.56 11.52 20.28
CA VAL A 323 -17.15 10.48 21.23
C VAL A 323 -16.17 9.51 20.58
N MET A 324 -15.32 8.86 21.40
CA MET A 324 -14.40 7.82 20.96
C MET A 324 -14.96 6.52 21.46
N ASP A 325 -15.24 5.58 20.53
CA ASP A 325 -15.76 4.28 20.90
C ASP A 325 -14.61 3.32 21.09
N ILE A 326 -14.75 2.44 22.09
CA ILE A 326 -13.78 1.39 22.38
C ILE A 326 -14.45 0.11 21.94
N ILE A 327 -13.91 -0.50 20.88
CA ILE A 327 -14.45 -1.72 20.29
C ILE A 327 -13.39 -2.82 20.22
N SER A 328 -13.84 -4.07 20.02
CA SER A 328 -12.95 -5.21 19.91
C SER A 328 -13.52 -6.32 19.02
N ARG A 329 -12.62 -7.20 18.51
CA ARG A 329 -12.94 -8.41 17.73
C ARG A 329 -11.73 -9.37 17.66
N LYS A 330 -11.96 -10.60 17.18
CA LYS A 330 -10.90 -11.60 17.09
C LYS A 330 -10.32 -11.81 15.68
N ASP A 331 -10.98 -11.34 14.62
CA ASP A 331 -10.46 -11.51 13.28
C ASP A 331 -10.31 -10.20 12.54
N GLN A 332 -10.04 -10.24 11.22
CA GLN A 332 -9.75 -9.10 10.35
C GLN A 332 -8.33 -8.59 10.63
N ARG A 333 -7.85 -7.76 9.73
CA ARG A 333 -6.53 -7.15 9.81
C ARG A 333 -6.68 -5.66 10.10
N GLY A 334 -5.80 -5.14 10.97
CA GLY A 334 -5.70 -3.71 11.21
C GLY A 334 -4.82 -3.13 10.12
N SER A 335 -5.38 -2.32 9.21
CA SER A 335 -4.69 -1.77 8.04
C SER A 335 -3.42 -0.91 8.32
N GLY A 336 -3.34 -0.30 9.49
CA GLY A 336 -2.20 0.57 9.83
C GLY A 336 -0.97 -0.10 10.42
N GLN A 337 -1.05 -1.39 10.73
CA GLN A 337 0.00 -2.17 11.40
C GLN A 337 1.26 -2.45 10.54
N VAL A 338 2.40 -2.65 11.23
CA VAL A 338 3.72 -2.94 10.65
C VAL A 338 3.67 -4.22 9.78
N GLY A 339 3.05 -5.26 10.32
CA GLY A 339 2.99 -6.57 9.70
C GLY A 339 1.95 -6.79 8.61
N THR A 340 1.05 -5.79 8.40
CA THR A 340 -0.10 -5.85 7.49
C THR A 340 0.28 -6.21 6.04
N TYR A 341 1.23 -5.50 5.44
CA TYR A 341 1.64 -5.73 4.05
C TYR A 341 2.19 -7.13 3.84
N GLY A 342 3.14 -7.54 4.70
CA GLY A 342 3.80 -8.84 4.63
C GLY A 342 2.86 -10.00 4.86
N LEU A 343 1.97 -9.86 5.85
CA LEU A 343 1.03 -10.93 6.19
C LEU A 343 -0.11 -11.03 5.15
N ASN A 344 -0.50 -9.90 4.53
CA ASN A 344 -1.48 -9.94 3.43
C ASN A 344 -0.82 -10.58 2.24
N THR A 345 0.48 -10.25 1.99
CA THR A 345 1.21 -10.85 0.86
C THR A 345 1.28 -12.37 1.03
N PHE A 346 1.70 -12.82 2.23
CA PHE A 346 1.80 -14.25 2.57
C PHE A 346 0.45 -14.97 2.33
N THR A 347 -0.63 -14.48 2.93
CA THR A 347 -1.97 -15.11 2.86
C THR A 347 -2.50 -15.08 1.39
N ASN A 348 -2.21 -14.03 0.62
CA ASN A 348 -2.64 -13.98 -0.78
C ASN A 348 -1.85 -14.98 -1.68
N MET A 349 -0.55 -15.15 -1.41
CA MET A 349 0.27 -16.14 -2.12
C MET A 349 -0.31 -17.53 -1.80
N GLU A 350 -0.66 -17.75 -0.51
CA GLU A 350 -1.26 -19.01 -0.09
C GLU A 350 -2.60 -19.22 -0.83
N ALA A 351 -3.51 -18.19 -0.81
CA ALA A 351 -4.84 -18.32 -1.43
C ALA A 351 -4.75 -18.56 -2.97
N GLN A 352 -3.76 -17.96 -3.63
CA GLN A 352 -3.57 -18.14 -5.07
C GLN A 352 -3.01 -19.51 -5.40
N LEU A 353 -2.15 -20.08 -4.54
CA LEU A 353 -1.67 -21.45 -4.77
C LEU A 353 -2.83 -22.43 -4.68
N VAL A 354 -3.69 -22.27 -3.64
CA VAL A 354 -4.90 -23.09 -3.44
C VAL A 354 -5.84 -22.96 -4.68
N ARG A 355 -6.04 -21.72 -5.21
CA ARG A 355 -6.88 -21.55 -6.40
C ARG A 355 -6.23 -22.25 -7.61
N GLN A 356 -4.89 -22.17 -7.73
CA GLN A 356 -4.17 -22.84 -8.82
C GLN A 356 -4.36 -24.38 -8.70
N MET A 357 -4.28 -24.95 -7.47
CA MET A 357 -4.50 -26.39 -7.21
C MET A 357 -5.88 -26.85 -7.65
N GLU A 358 -6.93 -26.05 -7.34
CA GLU A 358 -8.31 -26.34 -7.72
C GLU A 358 -8.47 -26.28 -9.25
N GLY A 359 -7.83 -25.29 -9.88
CA GLY A 359 -7.83 -25.15 -11.35
C GLY A 359 -7.27 -26.39 -12.00
N GLU A 360 -6.22 -26.96 -11.41
CA GLU A 360 -5.55 -28.15 -11.94
C GLU A 360 -6.25 -29.49 -11.61
N GLY A 361 -7.36 -29.45 -10.87
CA GLY A 361 -8.09 -30.66 -10.51
C GLY A 361 -7.46 -31.38 -9.32
N VAL A 362 -6.49 -30.74 -8.64
CA VAL A 362 -5.86 -31.30 -7.41
C VAL A 362 -6.88 -31.21 -6.26
N LEU A 363 -7.70 -30.14 -6.23
CA LEU A 363 -8.70 -29.94 -5.20
C LEU A 363 -10.06 -29.89 -5.82
N THR A 364 -10.97 -30.73 -5.29
CA THR A 364 -12.36 -30.86 -5.75
C THR A 364 -13.32 -30.30 -4.69
N LYS A 365 -14.61 -30.20 -5.06
CA LYS A 365 -15.67 -29.74 -4.16
C LYS A 365 -15.72 -30.68 -2.92
N ALA A 366 -15.66 -32.01 -3.16
CA ALA A 366 -15.66 -33.06 -2.13
C ALA A 366 -14.48 -32.88 -1.16
N ASP A 367 -13.29 -32.51 -1.67
CA ASP A 367 -12.09 -32.27 -0.85
C ASP A 367 -12.28 -31.10 0.13
N LEU A 368 -12.92 -30.00 -0.32
CA LEU A 368 -13.12 -28.81 0.52
C LEU A 368 -14.08 -29.07 1.66
N GLU A 369 -15.07 -29.95 1.44
CA GLU A 369 -16.02 -30.28 2.49
C GLU A 369 -15.47 -31.32 3.48
N ASN A 370 -14.43 -32.07 3.05
CA ASN A 370 -13.89 -33.21 3.77
C ASN A 370 -12.93 -32.86 4.92
N PRO A 371 -13.33 -33.19 6.18
CA PRO A 371 -12.41 -32.97 7.30
C PRO A 371 -11.19 -33.90 7.26
N HIS A 372 -11.36 -35.11 6.69
CA HIS A 372 -10.35 -36.17 6.59
C HIS A 372 -9.67 -36.24 5.22
N LEU A 373 -9.57 -35.08 4.57
CA LEU A 373 -8.97 -34.92 3.25
C LEU A 373 -7.51 -35.40 3.22
N LEU A 374 -7.15 -36.15 2.17
CA LEU A 374 -5.81 -36.71 1.97
C LEU A 374 -4.78 -35.61 1.78
N GLU A 375 -3.82 -35.55 2.73
CA GLU A 375 -2.74 -34.56 2.72
C GLU A 375 -1.73 -34.81 1.62
N LYS A 376 -1.45 -36.11 1.32
CA LYS A 376 -0.48 -36.58 0.34
C LYS A 376 -0.43 -35.80 -1.01
N LYS A 377 -1.56 -35.72 -1.75
CA LYS A 377 -1.59 -35.04 -3.05
C LYS A 377 -1.34 -33.54 -2.95
N ILE A 378 -1.67 -32.91 -1.79
CA ILE A 378 -1.43 -31.48 -1.58
C ILE A 378 0.09 -31.29 -1.39
N THR A 379 0.69 -32.08 -0.49
CA THR A 379 2.13 -32.11 -0.23
C THR A 379 2.91 -32.43 -1.51
N GLN A 380 2.48 -33.44 -2.27
CA GLN A 380 3.14 -33.83 -3.54
C GLN A 380 3.14 -32.71 -4.58
N TRP A 381 2.01 -31.98 -4.70
CA TRP A 381 1.87 -30.83 -5.62
C TRP A 381 2.78 -29.69 -5.16
N LEU A 382 2.82 -29.40 -3.87
CA LEU A 382 3.67 -28.30 -3.34
C LEU A 382 5.16 -28.55 -3.54
N GLU A 383 5.63 -29.76 -3.23
CA GLU A 383 7.02 -30.17 -3.35
C GLU A 383 7.51 -30.31 -4.76
N THR A 384 6.66 -30.70 -5.71
CA THR A 384 7.08 -30.86 -7.09
C THR A 384 6.77 -29.65 -7.97
N LYS A 385 5.69 -28.91 -7.66
CA LYS A 385 5.22 -27.80 -8.51
C LYS A 385 5.15 -26.43 -7.85
N GLY A 386 5.08 -26.39 -6.51
CA GLY A 386 4.88 -25.20 -5.69
C GLY A 386 5.63 -23.95 -6.11
N VAL A 387 6.98 -24.06 -6.19
CA VAL A 387 7.90 -22.98 -6.56
C VAL A 387 7.65 -22.51 -7.99
N GLU A 388 7.49 -23.44 -8.95
CA GLU A 388 7.18 -23.09 -10.34
C GLU A 388 5.85 -22.30 -10.35
N ARG A 389 4.86 -22.77 -9.56
CA ARG A 389 3.54 -22.13 -9.47
C ARG A 389 3.62 -20.74 -8.82
N LEU A 390 4.59 -20.53 -7.90
CA LEU A 390 4.81 -19.22 -7.27
C LEU A 390 5.40 -18.24 -8.27
N LYS A 391 6.24 -18.71 -9.21
CA LYS A 391 6.91 -17.87 -10.21
C LYS A 391 5.94 -17.28 -11.27
N ARG A 392 4.73 -17.90 -11.45
CA ARG A 392 3.66 -17.49 -12.36
C ARG A 392 2.86 -16.31 -11.77
N MET A 393 3.29 -15.80 -10.62
CA MET A 393 2.53 -14.74 -9.91
C MET A 393 3.30 -13.53 -9.55
N ALA A 394 2.60 -12.41 -9.41
CA ALA A 394 3.12 -11.14 -8.88
C ALA A 394 2.11 -10.79 -7.81
N ILE A 395 2.54 -10.73 -6.53
CA ILE A 395 1.62 -10.52 -5.42
C ILE A 395 2.13 -9.45 -4.48
N SER A 396 1.28 -8.42 -4.28
CA SER A 396 1.60 -7.29 -3.42
C SER A 396 0.41 -7.03 -2.51
N GLY A 397 0.49 -7.56 -1.30
CA GLY A 397 -0.62 -7.48 -0.36
C GLY A 397 -1.82 -8.17 -0.99
N ASP A 398 -2.96 -7.47 -1.05
CA ASP A 398 -4.18 -8.02 -1.67
C ASP A 398 -4.15 -7.99 -3.22
N ASP A 399 -3.15 -7.30 -3.83
CA ASP A 399 -3.02 -7.21 -5.27
C ASP A 399 -2.34 -8.45 -5.81
N CYS A 400 -2.97 -9.14 -6.78
CA CYS A 400 -2.40 -10.34 -7.40
C CYS A 400 -2.58 -10.38 -8.92
N VAL A 401 -1.62 -11.01 -9.57
CA VAL A 401 -1.61 -11.31 -11.00
C VAL A 401 -1.16 -12.77 -11.01
N VAL A 402 -1.92 -13.65 -11.66
CA VAL A 402 -1.60 -15.09 -11.71
C VAL A 402 -1.62 -15.55 -13.17
N LYS A 403 -0.59 -16.29 -13.64
CA LYS A 403 -0.64 -16.87 -14.99
C LYS A 403 -0.68 -18.41 -14.81
N PRO A 404 -1.90 -18.98 -14.60
CA PRO A 404 -2.00 -20.43 -14.34
C PRO A 404 -1.55 -21.28 -15.53
N ILE A 405 -1.43 -22.60 -15.36
CA ILE A 405 -0.97 -23.48 -16.44
C ILE A 405 -1.97 -23.55 -17.62
N ASP A 406 -3.26 -23.24 -17.37
CA ASP A 406 -4.34 -23.20 -18.38
C ASP A 406 -5.49 -22.36 -17.82
N ASP A 407 -6.60 -22.23 -18.56
CA ASP A 407 -7.71 -21.37 -18.11
C ASP A 407 -8.79 -22.05 -17.27
N ARG A 408 -8.57 -23.29 -16.75
CA ARG A 408 -9.56 -23.91 -15.83
C ARG A 408 -9.66 -23.04 -14.60
N PHE A 409 -8.56 -22.33 -14.24
CA PHE A 409 -8.44 -21.36 -13.14
C PHE A 409 -9.56 -20.31 -13.15
N ALA A 410 -9.99 -19.85 -14.35
CA ALA A 410 -11.05 -18.85 -14.46
C ALA A 410 -12.31 -19.29 -13.70
N ASN A 411 -12.60 -20.58 -13.77
CA ASN A 411 -13.77 -21.19 -13.15
C ASN A 411 -13.50 -21.88 -11.84
N ALA A 412 -12.26 -21.85 -11.34
CA ALA A 412 -11.90 -22.47 -10.06
C ALA A 412 -12.18 -21.44 -8.96
N LEU A 413 -13.44 -21.42 -8.46
CA LEU A 413 -13.91 -20.43 -7.46
C LEU A 413 -14.35 -20.98 -6.14
N LEU A 414 -14.45 -22.30 -6.01
CA LEU A 414 -14.96 -22.91 -4.77
C LEU A 414 -14.06 -22.59 -3.57
N ALA A 415 -12.72 -22.80 -3.70
CA ALA A 415 -11.80 -22.53 -2.59
C ALA A 415 -11.66 -21.04 -2.35
N LEU A 416 -11.51 -20.22 -3.42
CA LEU A 416 -11.35 -18.76 -3.31
C LEU A 416 -12.53 -18.14 -2.50
N ASN A 417 -13.76 -18.46 -2.89
CA ASN A 417 -14.93 -17.96 -2.16
C ASN A 417 -15.00 -18.54 -0.75
N ASP A 418 -14.67 -19.86 -0.59
CA ASP A 418 -14.76 -20.52 0.72
C ASP A 418 -13.74 -19.96 1.74
N MET A 419 -12.55 -19.58 1.28
CA MET A 419 -11.51 -18.97 2.07
C MET A 419 -11.90 -17.55 2.53
N GLY A 420 -12.96 -17.03 1.94
CA GLY A 420 -13.54 -15.71 2.24
C GLY A 420 -13.05 -14.62 1.33
N LYS A 421 -12.21 -14.96 0.34
CA LYS A 421 -11.63 -13.96 -0.57
C LYS A 421 -12.51 -13.75 -1.81
N VAL A 422 -13.75 -13.34 -1.53
CA VAL A 422 -14.79 -13.07 -2.52
C VAL A 422 -14.37 -11.90 -3.41
N ARG A 423 -14.40 -12.11 -4.72
CA ARG A 423 -14.00 -11.10 -5.71
C ARG A 423 -14.95 -9.89 -5.72
N LYS A 424 -14.40 -8.66 -5.85
CA LYS A 424 -15.18 -7.43 -5.86
C LYS A 424 -16.07 -7.30 -7.11
N ASP A 425 -17.33 -6.84 -6.93
CA ASP A 425 -18.28 -6.46 -8.00
C ASP A 425 -18.42 -7.45 -9.16
N ILE A 426 -18.75 -8.70 -8.84
CA ILE A 426 -18.95 -9.78 -9.78
C ILE A 426 -19.79 -10.82 -9.04
N PRO A 427 -20.81 -11.46 -9.70
CA PRO A 427 -21.54 -12.55 -9.02
C PRO A 427 -20.52 -13.60 -8.57
N GLN A 428 -20.73 -14.16 -7.40
CA GLN A 428 -19.84 -15.09 -6.76
C GLN A 428 -19.33 -16.25 -7.65
N TRP A 429 -20.18 -16.80 -8.54
CA TRP A 429 -19.84 -17.96 -9.37
C TRP A 429 -19.60 -17.63 -10.87
N GLN A 430 -19.62 -16.36 -11.22
CA GLN A 430 -19.29 -15.96 -12.60
C GLN A 430 -17.77 -16.15 -12.83
N PRO A 431 -17.35 -16.87 -13.90
CA PRO A 431 -15.90 -17.08 -14.12
C PRO A 431 -15.13 -15.76 -14.25
N SER A 432 -13.87 -15.77 -13.79
CA SER A 432 -13.01 -14.60 -13.89
C SER A 432 -12.64 -14.39 -15.35
N LYS A 433 -12.41 -13.13 -15.69
CA LYS A 433 -11.94 -12.75 -17.03
C LYS A 433 -10.44 -12.41 -16.88
N GLY A 434 -9.62 -13.10 -17.66
CA GLY A 434 -8.19 -12.88 -17.73
C GLY A 434 -7.79 -12.08 -18.95
N TRP A 435 -6.51 -11.69 -19.00
CA TRP A 435 -5.92 -10.93 -20.11
C TRP A 435 -4.88 -11.74 -20.80
N HIS A 436 -4.84 -11.62 -22.14
CA HIS A 436 -3.85 -12.29 -22.95
C HIS A 436 -2.69 -11.39 -23.30
N ASP A 437 -2.72 -10.13 -22.80
CA ASP A 437 -1.65 -9.14 -23.00
CA ASP A 437 -1.64 -9.15 -22.99
C ASP A 437 -1.28 -8.55 -21.64
N TRP A 438 -0.04 -8.74 -21.21
CA TRP A 438 0.45 -8.25 -19.91
C TRP A 438 0.28 -6.72 -19.75
N GLN A 439 0.25 -6.00 -20.87
CA GLN A 439 0.06 -4.55 -20.92
C GLN A 439 -1.37 -4.15 -20.55
N GLN A 440 -2.33 -5.08 -20.62
CA GLN A 440 -3.70 -4.73 -20.23
C GLN A 440 -3.98 -5.07 -18.78
N VAL A 441 -3.04 -5.79 -18.14
CA VAL A 441 -3.19 -6.25 -16.76
C VAL A 441 -3.10 -5.12 -15.72
N PRO A 442 -4.15 -4.95 -14.88
CA PRO A 442 -4.04 -3.98 -13.77
C PRO A 442 -3.29 -4.61 -12.59
N PHE A 443 -2.40 -3.84 -11.99
CA PHE A 443 -1.63 -4.28 -10.83
C PHE A 443 -1.12 -3.06 -10.12
N CYS A 444 -1.39 -2.98 -8.81
CA CYS A 444 -0.95 -1.90 -7.90
C CYS A 444 -1.38 -0.51 -8.42
N SER A 445 -2.64 -0.39 -8.85
CA SER A 445 -3.28 0.84 -9.35
C SER A 445 -2.70 1.33 -10.68
N HIS A 446 -1.93 0.48 -11.35
CA HIS A 446 -1.31 0.84 -12.62
C HIS A 446 -1.51 -0.24 -13.69
N HIS A 447 -1.09 0.09 -14.90
CA HIS A 447 -0.93 -0.81 -16.04
C HIS A 447 0.43 -0.37 -16.59
N PHE A 448 0.99 -1.16 -17.50
CA PHE A 448 2.35 -0.90 -17.95
C PHE A 448 2.45 -0.97 -19.45
N HIS A 449 3.20 -0.04 -20.05
CA HIS A 449 3.37 0.01 -21.51
C HIS A 449 4.80 -0.29 -21.89
N GLU A 450 4.98 -0.99 -23.01
CA GLU A 450 6.29 -1.22 -23.58
C GLU A 450 6.48 -0.13 -24.64
N LEU A 451 7.53 0.70 -24.50
CA LEU A 451 7.88 1.79 -25.40
C LEU A 451 9.12 1.48 -26.19
N ILE A 452 9.16 1.99 -27.42
CA ILE A 452 10.33 1.90 -28.28
C ILE A 452 10.98 3.28 -28.31
N MET A 453 12.24 3.36 -27.91
CA MET A 453 12.97 4.62 -27.91
C MET A 453 13.43 4.94 -29.34
N LYS A 454 13.78 6.22 -29.63
CA LYS A 454 14.29 6.63 -30.96
C LYS A 454 15.51 5.81 -31.38
N ASP A 455 16.29 5.26 -30.41
CA ASP A 455 17.48 4.46 -30.69
C ASP A 455 17.19 2.97 -30.79
N GLY A 456 15.91 2.58 -30.79
CA GLY A 456 15.50 1.19 -30.92
C GLY A 456 15.44 0.40 -29.62
N ARG A 457 15.92 0.95 -28.50
CA ARG A 457 15.86 0.22 -27.23
C ARG A 457 14.43 0.24 -26.64
N LYS A 458 14.06 -0.79 -25.91
CA LYS A 458 12.72 -0.87 -25.33
C LYS A 458 12.70 -0.48 -23.88
N LEU A 459 11.62 0.20 -23.44
CA LEU A 459 11.41 0.55 -22.03
C LEU A 459 10.05 0.00 -21.61
N VAL A 460 9.91 -0.45 -20.35
CA VAL A 460 8.60 -0.87 -19.81
C VAL A 460 8.29 0.14 -18.70
N VAL A 461 7.24 0.95 -18.90
CA VAL A 461 6.90 2.08 -18.00
C VAL A 461 5.56 1.91 -17.24
N PRO A 462 5.46 2.46 -16.00
CA PRO A 462 4.16 2.42 -15.30
C PRO A 462 3.21 3.52 -15.79
N CYS A 463 1.89 3.27 -15.74
CA CYS A 463 0.89 4.21 -16.22
C CYS A 463 -0.44 4.01 -15.48
N ARG A 464 -1.27 5.05 -15.46
CA ARG A 464 -2.60 5.03 -14.85
C ARG A 464 -3.42 6.19 -15.49
N PRO A 465 -4.77 6.25 -15.32
CA PRO A 465 -5.54 7.36 -15.91
C PRO A 465 -4.97 8.67 -15.41
N GLN A 466 -4.68 9.61 -16.35
CA GLN A 466 -3.99 10.87 -16.04
C GLN A 466 -4.68 11.74 -15.00
N ASP A 467 -6.04 11.70 -14.96
CA ASP A 467 -6.83 12.50 -14.00
C ASP A 467 -6.45 12.15 -12.57
N GLU A 468 -6.13 10.86 -12.32
CA GLU A 468 -5.72 10.37 -10.99
C GLU A 468 -4.36 10.97 -10.59
N LEU A 469 -3.46 11.13 -11.57
CA LEU A 469 -2.12 11.69 -11.32
C LEU A 469 -2.22 13.19 -11.03
N ILE A 470 -2.94 13.94 -11.90
CA ILE A 470 -3.13 15.39 -11.75
C ILE A 470 -3.94 15.69 -10.47
N GLY A 471 -5.01 14.90 -10.25
CA GLY A 471 -5.88 15.02 -9.09
C GLY A 471 -5.15 14.88 -7.78
N ARG A 472 -4.21 13.92 -7.69
CA ARG A 472 -3.42 13.71 -6.49
C ARG A 472 -2.41 14.86 -6.27
N ALA A 473 -1.69 15.26 -7.33
CA ALA A 473 -0.69 16.34 -7.26
C ALA A 473 -1.28 17.67 -6.80
N ARG A 474 -2.57 17.89 -7.05
CA ARG A 474 -3.27 19.11 -6.67
C ARG A 474 -3.69 19.16 -5.21
N ILE A 475 -3.51 18.04 -4.50
CA ILE A 475 -3.83 17.94 -3.09
C ILE A 475 -2.55 18.11 -2.23
N SER A 476 -2.61 19.06 -1.29
CA SER A 476 -1.55 19.27 -0.31
C SER A 476 -2.06 18.57 0.98
N GLN A 477 -1.15 18.08 1.85
CA GLN A 477 -1.61 17.35 3.05
C GLN A 477 -1.54 18.18 4.34
N GLY A 478 -2.73 18.47 4.88
CA GLY A 478 -2.92 19.24 6.12
C GLY A 478 -3.26 20.70 5.89
N ALA A 479 -2.83 21.56 6.86
CA ALA A 479 -3.08 23.00 6.84
C ALA A 479 -1.87 23.78 7.42
N GLY A 480 -1.89 25.10 7.24
CA GLY A 480 -0.84 26.00 7.72
C GLY A 480 0.43 25.92 6.90
N TRP A 481 0.31 25.41 5.67
CA TRP A 481 1.41 25.25 4.74
C TRP A 481 1.71 26.53 3.98
N SER A 482 2.92 27.05 4.16
CA SER A 482 3.43 28.25 3.50
C SER A 482 3.58 27.99 1.99
N LEU A 483 3.65 29.07 1.17
CA LEU A 483 3.84 28.95 -0.27
C LEU A 483 5.11 28.17 -0.60
N ARG A 484 6.17 28.32 0.24
CA ARG A 484 7.46 27.65 0.12
C ARG A 484 7.30 26.13 0.15
N GLU A 485 6.68 25.59 1.23
CA GLU A 485 6.42 24.16 1.44
C GLU A 485 5.51 23.59 0.33
N THR A 486 4.50 24.38 -0.09
CA THR A 486 3.52 24.06 -1.15
C THR A 486 4.22 23.92 -2.51
N ALA A 487 5.09 24.89 -2.85
CA ALA A 487 5.88 24.90 -4.07
C ALA A 487 6.82 23.70 -4.13
N CYS A 488 7.43 23.35 -2.98
CA CYS A 488 8.34 22.20 -2.81
C CYS A 488 7.61 20.86 -2.95
N LEU A 489 6.34 20.76 -2.47
CA LEU A 489 5.55 19.55 -2.65
C LEU A 489 5.18 19.43 -4.13
N GLY A 490 4.83 20.56 -4.73
CA GLY A 490 4.56 20.66 -6.16
C GLY A 490 5.75 20.19 -6.96
N LYS A 491 6.97 20.63 -6.57
CA LYS A 491 8.24 20.24 -7.21
C LYS A 491 8.45 18.72 -7.08
N ALA A 492 8.15 18.14 -5.91
CA ALA A 492 8.26 16.70 -5.68
C ALA A 492 7.37 15.93 -6.65
N TYR A 493 6.08 16.36 -6.83
CA TYR A 493 5.15 15.74 -7.77
C TYR A 493 5.63 15.84 -9.20
N ALA A 494 6.13 17.05 -9.58
CA ALA A 494 6.69 17.33 -10.91
C ALA A 494 7.88 16.41 -11.20
N GLN A 495 8.78 16.26 -10.22
CA GLN A 495 9.96 15.41 -10.38
C GLN A 495 9.58 13.93 -10.38
N MET A 496 8.55 13.53 -9.58
CA MET A 496 8.06 12.13 -9.63
C MET A 496 7.54 11.82 -11.04
N TRP A 497 6.79 12.79 -11.65
CA TRP A 497 6.30 12.64 -13.04
C TRP A 497 7.42 12.56 -14.05
N SER A 498 8.54 13.34 -13.85
CA SER A 498 9.68 13.31 -14.76
CA SER A 498 9.66 13.31 -14.78
C SER A 498 10.35 11.95 -14.79
N LEU A 499 10.31 11.20 -13.65
CA LEU A 499 10.95 9.89 -13.53
C LEU A 499 10.07 8.70 -13.82
N MET A 500 8.78 8.76 -13.43
CA MET A 500 7.88 7.61 -13.64
C MET A 500 6.90 7.78 -14.76
N TYR A 501 6.43 9.04 -14.99
CA TYR A 501 5.34 9.31 -15.95
C TYR A 501 5.70 10.34 -17.04
N PHE A 502 7.01 10.45 -17.39
CA PHE A 502 7.61 11.32 -18.43
C PHE A 502 7.02 11.00 -19.81
N HIS A 503 6.48 9.77 -19.96
CA HIS A 503 5.92 9.28 -21.22
C HIS A 503 4.52 9.87 -21.52
N ARG A 504 3.95 10.64 -20.57
CA ARG A 504 2.65 11.31 -20.72
C ARG A 504 2.94 12.76 -21.10
N ARG A 505 2.57 13.19 -22.33
CA ARG A 505 2.82 14.55 -22.86
C ARG A 505 2.41 15.67 -21.92
N ASP A 506 1.17 15.59 -21.35
CA ASP A 506 0.67 16.62 -20.41
C ASP A 506 1.48 16.67 -19.15
N LEU A 507 1.95 15.51 -18.65
CA LEU A 507 2.72 15.50 -17.41
C LEU A 507 4.14 15.99 -17.62
N ARG A 508 4.75 15.73 -18.79
CA ARG A 508 6.09 16.30 -19.01
C ARG A 508 6.05 17.85 -19.10
N LEU A 509 5.03 18.40 -19.79
CA LEU A 509 4.83 19.84 -19.94
C LEU A 509 4.58 20.45 -18.57
N ALA A 510 3.60 19.89 -17.81
CA ALA A 510 3.27 20.36 -16.47
C ALA A 510 4.47 20.30 -15.54
N SER A 511 5.23 19.19 -15.58
CA SER A 511 6.44 18.94 -14.78
C SER A 511 7.49 20.04 -15.05
N ASN A 512 7.73 20.34 -16.32
CA ASN A 512 8.68 21.39 -16.72
C ASN A 512 8.21 22.76 -16.27
N ALA A 513 6.88 23.06 -16.40
CA ALA A 513 6.28 24.30 -15.93
C ALA A 513 6.46 24.48 -14.44
N ILE A 514 6.16 23.44 -13.62
CA ILE A 514 6.30 23.50 -12.15
C ILE A 514 7.77 23.69 -11.75
N CYS A 515 8.71 22.97 -12.40
CA CYS A 515 10.14 23.09 -12.09
C CYS A 515 10.73 24.45 -12.53
N SER A 516 10.09 25.13 -13.49
CA SER A 516 10.45 26.45 -13.97
C SER A 516 9.91 27.53 -13.02
N ALA A 517 8.78 27.25 -12.34
CA ALA A 517 8.11 28.18 -11.44
C ALA A 517 8.63 28.12 -10.02
N VAL A 518 9.32 27.04 -9.67
CA VAL A 518 9.83 26.81 -8.32
C VAL A 518 11.32 27.09 -8.29
N PRO A 519 11.85 27.85 -7.30
CA PRO A 519 13.31 28.13 -7.31
C PRO A 519 14.15 26.85 -7.38
N VAL A 520 15.14 26.82 -8.29
CA VAL A 520 16.06 25.70 -8.57
C VAL A 520 16.64 25.01 -7.34
N HIS A 521 17.06 25.80 -6.35
CA HIS A 521 17.76 25.27 -5.20
C HIS A 521 16.85 24.82 -4.08
N TRP A 522 15.53 25.05 -4.22
CA TRP A 522 14.58 24.59 -3.19
C TRP A 522 14.45 23.06 -3.27
N VAL A 523 14.68 22.42 -2.14
CA VAL A 523 14.66 20.97 -2.01
C VAL A 523 13.23 20.46 -1.93
N PRO A 524 12.82 19.50 -2.80
CA PRO A 524 11.46 18.93 -2.67
C PRO A 524 11.29 18.35 -1.26
N THR A 525 10.24 18.77 -0.57
CA THR A 525 9.96 18.33 0.79
C THR A 525 8.61 17.67 0.80
N SER A 526 8.35 16.82 1.82
CA SER A 526 7.15 16.03 2.03
C SER A 526 7.02 14.96 0.95
N ARG A 527 6.37 13.86 1.25
CA ARG A 527 6.21 12.77 0.29
C ARG A 527 5.02 12.97 -0.65
N THR A 528 5.14 12.43 -1.86
CA THR A 528 4.11 12.46 -2.89
C THR A 528 3.18 11.25 -2.75
N THR A 529 3.68 10.21 -2.05
CA THR A 529 3.00 8.94 -1.82
C THR A 529 3.61 8.18 -0.64
N TRP A 530 2.79 7.35 0.01
CA TRP A 530 3.17 6.45 1.10
C TRP A 530 3.33 5.04 0.54
N SER A 531 3.19 4.88 -0.78
CA SER A 531 3.28 3.59 -1.46
C SER A 531 4.58 2.84 -1.11
N ILE A 532 4.48 1.52 -0.88
CA ILE A 532 5.65 0.71 -0.60
C ILE A 532 6.50 0.58 -1.87
N HIS A 533 5.87 0.85 -3.06
CA HIS A 533 6.52 0.78 -4.36
C HIS A 533 7.35 2.03 -4.66
N ALA A 534 7.23 3.09 -3.86
CA ALA A 534 7.94 4.35 -4.08
C ALA A 534 9.33 4.32 -3.45
N HIS A 535 10.36 4.62 -4.25
CA HIS A 535 11.74 4.66 -3.77
C HIS A 535 12.21 6.12 -3.66
N HIS A 536 11.32 7.06 -4.06
CA HIS A 536 11.48 8.50 -3.93
C HIS A 536 12.78 9.05 -4.54
N GLN A 537 13.13 8.61 -5.77
CA GLN A 537 14.32 9.09 -6.49
C GLN A 537 14.19 10.56 -6.88
N TRP A 538 12.96 11.10 -6.85
CA TRP A 538 12.63 12.49 -7.21
C TRP A 538 12.83 13.49 -6.07
N MET A 539 13.11 12.98 -4.87
CA MET A 539 13.29 13.78 -3.67
C MET A 539 14.73 14.29 -3.63
N THR A 540 15.09 15.15 -4.59
CA THR A 540 16.46 15.65 -4.77
C THR A 540 16.49 16.97 -5.60
N THR A 541 17.66 17.64 -5.63
CA THR A 541 17.88 18.83 -6.46
C THR A 541 18.85 18.47 -7.58
N GLU A 542 19.21 17.19 -7.65
CA GLU A 542 20.03 16.63 -8.72
C GLU A 542 19.23 16.78 -10.01
N ASP A 543 19.94 16.97 -11.14
CA ASP A 543 19.38 17.05 -12.47
C ASP A 543 18.50 15.80 -12.75
N MET A 544 17.23 16.01 -13.14
CA MET A 544 16.26 14.91 -13.38
C MET A 544 16.61 14.03 -14.56
N LEU A 545 17.29 14.56 -15.58
CA LEU A 545 17.74 13.71 -16.70
C LEU A 545 18.85 12.72 -16.25
N THR A 546 19.68 13.14 -15.29
CA THR A 546 20.77 12.33 -14.73
C THR A 546 20.14 11.19 -13.93
N VAL A 547 19.14 11.53 -13.08
CA VAL A 547 18.39 10.54 -12.27
C VAL A 547 17.64 9.58 -13.21
N TRP A 548 17.01 10.12 -14.28
CA TRP A 548 16.27 9.32 -15.26
C TRP A 548 17.20 8.23 -15.80
N ASN A 549 18.42 8.63 -16.23
CA ASN A 549 19.47 7.75 -16.76
C ASN A 549 19.90 6.67 -15.80
N ARG A 550 20.03 7.04 -14.53
CA ARG A 550 20.41 6.08 -13.49
C ARG A 550 19.32 4.99 -13.33
N VAL A 551 18.06 5.41 -13.23
CA VAL A 551 16.91 4.50 -13.03
C VAL A 551 16.61 3.65 -14.27
N TRP A 552 16.43 4.29 -15.46
CA TRP A 552 15.97 3.59 -16.67
C TRP A 552 17.04 2.94 -17.51
N ILE A 553 18.29 3.38 -17.37
CA ILE A 553 19.40 2.85 -18.15
C ILE A 553 20.42 2.10 -17.23
N GLU A 554 21.21 2.84 -16.44
CA GLU A 554 22.29 2.30 -15.60
C GLU A 554 21.91 1.16 -14.69
N GLU A 555 20.99 1.40 -13.77
CA GLU A 555 20.61 0.39 -12.78
C GLU A 555 19.54 -0.57 -13.28
N ASN A 556 18.95 -0.32 -14.48
CA ASN A 556 17.88 -1.11 -15.08
C ASN A 556 18.36 -2.49 -15.52
N PRO A 557 17.98 -3.58 -14.81
CA PRO A 557 18.44 -4.93 -15.19
C PRO A 557 17.94 -5.39 -16.54
N TRP A 558 16.81 -4.83 -17.02
CA TRP A 558 16.28 -5.22 -18.33
C TRP A 558 16.77 -4.32 -19.46
N MET A 559 17.77 -3.45 -19.18
CA MET A 559 18.38 -2.57 -20.18
C MET A 559 19.83 -3.02 -20.41
N GLU A 560 20.07 -3.85 -21.41
CA GLU A 560 21.39 -4.41 -21.73
C GLU A 560 22.36 -3.34 -22.21
N ASP A 561 21.90 -2.48 -23.13
CA ASP A 561 22.72 -1.42 -23.68
C ASP A 561 22.68 -0.25 -22.71
N LYS A 562 23.84 0.08 -22.09
CA LYS A 562 23.93 1.15 -21.09
C LYS A 562 24.20 2.56 -21.66
N THR A 563 24.02 2.78 -22.99
CA THR A 563 24.24 4.09 -23.61
C THR A 563 23.32 5.13 -22.95
N PRO A 564 23.88 6.23 -22.41
CA PRO A 564 23.03 7.24 -21.79
C PRO A 564 22.23 8.03 -22.81
N VAL A 565 21.09 8.55 -22.34
CA VAL A 565 20.19 9.42 -23.10
C VAL A 565 20.65 10.81 -22.66
N THR A 566 21.13 11.61 -23.61
CA THR A 566 21.75 12.90 -23.34
C THR A 566 20.80 14.08 -23.40
N THR A 567 19.56 13.81 -23.85
CA THR A 567 18.53 14.84 -24.01
C THR A 567 17.13 14.27 -23.74
N TRP A 568 16.25 15.07 -23.10
CA TRP A 568 14.84 14.76 -22.84
C TRP A 568 14.13 14.50 -24.17
N GLU A 569 14.67 15.08 -25.27
CA GLU A 569 14.16 14.88 -26.62
C GLU A 569 14.29 13.42 -27.05
N ASN A 570 15.21 12.68 -26.41
CA ASN A 570 15.37 11.25 -26.69
C ASN A 570 14.69 10.37 -25.61
N VAL A 571 14.02 11.01 -24.61
CA VAL A 571 13.24 10.33 -23.56
C VAL A 571 11.85 10.15 -24.19
N PRO A 572 11.40 8.89 -24.39
CA PRO A 572 10.17 8.66 -25.16
C PRO A 572 8.84 8.99 -24.49
N TYR A 573 7.83 9.09 -25.34
CA TYR A 573 6.44 9.28 -24.98
C TYR A 573 5.70 8.02 -25.39
N LEU A 574 4.51 7.80 -24.79
CA LEU A 574 3.58 6.78 -25.26
C LEU A 574 3.18 7.26 -26.67
N GLY A 575 2.71 6.36 -27.51
CA GLY A 575 2.13 6.76 -28.78
C GLY A 575 1.00 7.74 -28.45
N LYS A 576 0.72 8.69 -29.35
CA LYS A 576 -0.30 9.71 -29.15
C LYS A 576 -1.68 9.10 -28.79
N ARG A 577 -2.07 8.04 -29.51
CA ARG A 577 -3.32 7.33 -29.32
C ARG A 577 -3.41 6.69 -27.91
N GLU A 578 -2.35 6.02 -27.44
CA GLU A 578 -2.29 5.44 -26.08
C GLU A 578 -2.34 6.55 -25.04
N ASP A 579 -1.62 7.65 -25.28
CA ASP A 579 -1.63 8.79 -24.35
C ASP A 579 -3.08 9.28 -24.17
N GLN A 580 -3.84 9.40 -25.27
CA GLN A 580 -5.25 9.81 -25.27
C GLN A 580 -6.13 8.76 -24.59
N TRP A 581 -5.94 7.46 -24.90
CA TRP A 581 -6.70 6.38 -24.25
C TRP A 581 -6.48 6.39 -22.75
N CYS A 582 -5.28 6.82 -22.30
CA CYS A 582 -5.00 6.89 -20.86
C CYS A 582 -5.23 8.26 -20.25
N GLY A 583 -6.07 9.07 -20.90
CA GLY A 583 -6.57 10.33 -20.37
C GLY A 583 -5.95 11.64 -20.78
N SER A 584 -5.01 11.66 -21.75
CA SER A 584 -4.36 12.92 -22.20
C SER A 584 -5.36 13.92 -22.80
N LEU A 585 -5.10 15.24 -22.62
CA LEU A 585 -5.93 16.26 -23.27
C LEU A 585 -5.33 16.73 -24.60
N ILE A 586 -4.25 16.07 -25.11
CA ILE A 586 -3.65 16.42 -26.41
C ILE A 586 -4.70 16.35 -27.52
N GLY A 587 -4.66 17.33 -28.42
CA GLY A 587 -5.64 17.40 -29.49
C GLY A 587 -6.81 18.30 -29.13
N LEU A 588 -6.95 18.67 -27.85
CA LEU A 588 -8.02 19.59 -27.41
C LEU A 588 -7.50 21.02 -27.47
N THR A 589 -8.40 21.99 -27.70
CA THR A 589 -8.09 23.42 -27.84
C THR A 589 -7.69 24.01 -26.51
N SER A 590 -8.42 23.65 -25.42
CA SER A 590 -8.11 24.10 -24.05
C SER A 590 -6.68 23.71 -23.70
N ARG A 591 -6.26 22.51 -24.16
CA ARG A 591 -4.91 21.99 -23.95
C ARG A 591 -3.86 22.79 -24.76
N ALA A 592 -4.13 23.07 -26.06
CA ALA A 592 -3.25 23.87 -26.92
C ALA A 592 -3.13 25.31 -26.37
N THR A 593 -4.22 25.88 -25.83
CA THR A 593 -4.25 27.22 -25.23
C THR A 593 -3.35 27.24 -23.99
N TRP A 594 -3.48 26.22 -23.15
CA TRP A 594 -2.72 26.06 -21.92
C TRP A 594 -1.23 25.96 -22.19
N ALA A 595 -0.84 25.11 -23.15
CA ALA A 595 0.54 24.88 -23.54
C ALA A 595 1.19 26.16 -24.06
N GLN A 596 0.46 26.86 -24.94
CA GLN A 596 0.83 28.13 -25.58
C GLN A 596 1.04 29.24 -24.52
N ASN A 597 0.15 29.32 -23.54
CA ASN A 597 0.17 30.38 -22.54
C ASN A 597 0.89 30.04 -21.24
N ILE A 598 1.47 28.82 -21.11
CA ILE A 598 2.14 28.36 -19.88
C ILE A 598 3.29 29.31 -19.39
N PRO A 599 4.14 30.02 -20.21
CA PRO A 599 5.16 30.90 -19.60
C PRO A 599 4.59 32.02 -18.75
N THR A 600 3.36 32.46 -19.09
CA THR A 600 2.58 33.48 -18.39
C THR A 600 2.21 32.98 -16.99
N ALA A 601 1.66 31.74 -16.87
CA ALA A 601 1.31 31.15 -15.58
C ALA A 601 2.57 30.90 -14.74
N ILE A 602 3.69 30.42 -15.34
CA ILE A 602 4.99 30.23 -14.64
C ILE A 602 5.43 31.58 -14.06
N GLN A 603 5.40 32.65 -14.90
CA GLN A 603 5.79 34.00 -14.45
C GLN A 603 4.92 34.51 -13.30
N GLN A 604 3.60 34.22 -13.32
CA GLN A 604 2.71 34.58 -12.21
C GLN A 604 3.14 33.89 -10.92
N VAL A 605 3.49 32.58 -10.97
CA VAL A 605 3.95 31.82 -9.80
C VAL A 605 5.28 32.44 -9.30
N ARG A 606 6.22 32.67 -10.23
CA ARG A 606 7.54 33.27 -9.93
C ARG A 606 7.41 34.61 -9.22
N SER A 607 6.50 35.48 -9.70
CA SER A 607 6.29 36.81 -9.14
C SER A 607 5.74 36.77 -7.71
N LEU A 608 4.93 35.73 -7.37
CA LEU A 608 4.38 35.59 -6.01
C LEU A 608 5.35 34.92 -5.05
N ILE A 609 6.20 33.99 -5.56
CA ILE A 609 7.24 33.33 -4.77
C ILE A 609 8.29 34.41 -4.39
N GLY A 610 8.60 35.29 -5.33
CA GLY A 610 9.50 36.41 -5.09
C GLY A 610 10.80 36.37 -5.85
N ASN A 611 11.78 37.15 -5.36
CA ASN A 611 13.10 37.25 -5.98
C ASN A 611 14.03 36.12 -5.51
N GLU A 612 13.98 35.02 -6.26
CA GLU A 612 14.78 33.83 -6.01
C GLU A 612 15.41 33.43 -7.35
N GLU A 613 16.25 32.40 -7.36
CA GLU A 613 16.87 31.94 -8.59
C GLU A 613 15.99 30.88 -9.22
N PHE A 614 15.60 31.09 -10.48
CA PHE A 614 14.77 30.17 -11.21
C PHE A 614 15.51 29.75 -12.44
N LEU A 615 15.18 28.58 -12.96
CA LEU A 615 15.76 28.07 -14.19
C LEU A 615 14.62 27.79 -15.15
N ASP A 616 14.78 28.17 -16.42
CA ASP A 616 13.75 27.91 -17.40
C ASP A 616 13.93 26.50 -17.92
N TYR A 617 13.07 25.56 -17.47
CA TYR A 617 13.13 24.15 -17.90
C TYR A 617 12.32 23.90 -19.15
N MET A 618 11.52 24.89 -19.59
CA MET A 618 10.72 24.75 -20.80
C MET A 618 11.60 24.46 -22.04
N PRO A 619 12.79 25.13 -22.29
CA PRO A 619 13.62 24.76 -23.46
C PRO A 619 14.02 23.28 -23.57
N SER A 620 13.98 22.50 -22.45
CA SER A 620 14.24 21.05 -22.46
C SER A 620 13.18 20.28 -23.28
N MET A 621 12.11 21.00 -23.70
CA MET A 621 11.02 20.55 -24.55
C MET A 621 11.11 21.22 -25.93
N LYS A 622 10.62 20.52 -26.98
CA LYS A 622 10.62 20.97 -28.38
C LYS A 622 9.85 22.30 -28.59
N ARG A 623 8.82 22.54 -27.76
CA ARG A 623 7.96 23.73 -27.81
C ARG A 623 8.69 25.05 -27.54
N PHE A 624 9.76 25.02 -26.70
CA PHE A 624 10.52 26.20 -26.29
C PHE A 624 12.04 26.12 -26.52
#